data_2R80
#
_entry.id   2R80
#
_cell.length_a   81.086
_cell.length_b   81.543
_cell.length_c   79.214
_cell.angle_alpha   90.00
_cell.angle_beta   90.00
_cell.angle_gamma   90.00
#
_symmetry.space_group_name_H-M   'P 21 21 21'
#
loop_
_entity.id
_entity.type
_entity.pdbx_description
1 polymer 'Hemoglobin subunit alpha-A'
2 polymer 'Hemoglobin subunit beta'
3 non-polymer 'PROTOPORPHYRIN IX CONTAINING FE'
4 non-polymer 'OXYGEN MOLECULE'
5 water water
#
loop_
_entity_poly.entity_id
_entity_poly.type
_entity_poly.pdbx_seq_one_letter_code
_entity_poly.pdbx_strand_id
1 'polypeptide(L)'
;VLSANDKSNVKAVFAKIGGQAGDLGGEALERLFITYPQTKTYFPHFDLSHGSAQIKGHGKKVAEALVEAANHIDDIAGAL
SKLSDLHAQKLRVDPVNFKLLGHCFLVVVAVHFPSLLTPEVHASLDKFVLAVGTVLTAKYR
;
A,C
2 'polypeptide(L)'
;VHWSAEEKQLITSIWGKVNVADCGAEALARLLIVYPWTQRFFSSFGNLSSATAISGNPNVKAHGKKVLTSFGDAVKNLDN
IKGTFAQLSELHCDKLHVDPENFRLLGDILVIILAAHFGKDFTPECQAAWQKLVRVVAHALARKYH
;
B,D
#
# COMPACT_ATOMS: atom_id res chain seq x y z
N VAL A 1 -18.90 0.06 2.01
CA VAL A 1 -19.63 0.67 0.87
C VAL A 1 -19.71 2.20 1.05
N LEU A 2 -19.76 2.91 -0.07
CA LEU A 2 -20.01 4.35 -0.08
C LEU A 2 -21.31 4.68 0.64
N SER A 3 -21.26 5.70 1.51
CA SER A 3 -22.43 6.19 2.23
C SER A 3 -23.42 6.86 1.26
N ALA A 4 -24.65 7.07 1.74
CA ALA A 4 -25.62 7.84 0.96
C ALA A 4 -25.04 9.20 0.57
N ASN A 5 -24.30 9.80 1.50
CA ASN A 5 -23.74 11.12 1.28
C ASN A 5 -22.68 11.11 0.20
N ASP A 6 -21.83 10.10 0.23
CA ASP A 6 -20.80 9.95 -0.79
C ASP A 6 -21.41 9.76 -2.17
N LYS A 7 -22.46 8.96 -2.24
CA LYS A 7 -23.18 8.70 -3.48
C LYS A 7 -23.76 9.98 -4.06
N SER A 8 -24.39 10.79 -3.20
CA SER A 8 -24.95 12.06 -3.64
CA SER A 8 -24.95 12.06 -3.63
C SER A 8 -23.86 13.02 -4.12
N ASN A 9 -22.72 13.02 -3.45
CA ASN A 9 -21.61 13.86 -3.88
C ASN A 9 -21.09 13.43 -5.26
N VAL A 10 -20.98 12.13 -5.49
CA VAL A 10 -20.53 11.63 -6.78
C VAL A 10 -21.52 12.04 -7.88
N LYS A 11 -22.81 11.86 -7.62
CA LYS A 11 -23.83 12.18 -8.62
C LYS A 11 -23.88 13.67 -8.87
N ALA A 12 -23.64 14.47 -7.84
CA ALA A 12 -23.61 15.93 -8.01
C ALA A 12 -22.46 16.33 -8.91
N VAL A 13 -21.31 15.68 -8.72
CA VAL A 13 -20.12 15.96 -9.53
C VAL A 13 -20.35 15.59 -10.98
N PHE A 14 -20.79 14.36 -11.24
CA PHE A 14 -20.95 13.92 -12.62
C PHE A 14 -22.18 14.55 -13.30
N ALA A 15 -23.18 14.93 -12.53
CA ALA A 15 -24.33 15.63 -13.11
C ALA A 15 -24.00 17.03 -13.57
N LYS A 16 -22.93 17.60 -13.00
CA LYS A 16 -22.45 18.93 -13.39
C LYS A 16 -21.48 18.83 -14.56
N ILE A 17 -20.48 17.96 -14.43
CA ILE A 17 -19.37 17.90 -15.39
C ILE A 17 -19.36 16.64 -16.27
N GLY A 18 -20.45 15.86 -16.26
CA GLY A 18 -20.54 14.67 -17.12
C GLY A 18 -20.29 14.93 -18.61
N GLY A 19 -20.60 16.14 -19.07
CA GLY A 19 -20.44 16.52 -20.48
C GLY A 19 -18.98 16.61 -20.88
N GLN A 20 -18.15 16.99 -19.91
CA GLN A 20 -16.73 17.14 -20.09
C GLN A 20 -15.94 15.90 -19.67
N ALA A 21 -16.63 14.90 -19.17
CA ALA A 21 -15.96 13.78 -18.55
C ALA A 21 -15.01 13.11 -19.54
N GLY A 22 -15.42 12.99 -20.79
CA GLY A 22 -14.58 12.38 -21.81
C GLY A 22 -13.23 13.06 -21.97
N ASP A 23 -13.21 14.36 -22.17
CA ASP A 23 -12.00 15.15 -22.17
C ASP A 23 -11.18 15.04 -20.87
N LEU A 24 -11.86 15.02 -19.73
CA LEU A 24 -11.16 14.85 -18.48
C LEU A 24 -10.46 13.51 -18.41
N GLY A 25 -11.05 12.47 -18.99
CA GLY A 25 -10.44 11.17 -18.97
C GLY A 25 -9.17 11.17 -19.81
N GLY A 26 -9.21 11.78 -20.96
CA GLY A 26 -8.01 11.92 -21.74
C GLY A 26 -6.89 12.59 -20.99
N GLU A 27 -7.19 13.67 -20.28
CA GLU A 27 -6.16 14.38 -19.57
C GLU A 27 -5.64 13.58 -18.38
N ALA A 28 -6.53 12.85 -17.73
CA ALA A 28 -6.12 12.03 -16.60
C ALA A 28 -5.11 10.97 -17.07
N LEU A 29 -5.38 10.42 -18.23
CA LEU A 29 -4.51 9.41 -18.77
C LEU A 29 -3.17 9.96 -19.23
N GLU A 30 -3.20 11.10 -19.87
CA GLU A 30 -1.98 11.80 -20.23
C GLU A 30 -1.14 12.06 -19.00
N ARG A 31 -1.79 12.53 -17.94
CA ARG A 31 -1.07 12.75 -16.69
C ARG A 31 -0.53 11.47 -16.03
N LEU A 32 -1.25 10.37 -16.12
CA LEU A 32 -0.77 9.10 -15.63
C LEU A 32 0.52 8.72 -16.30
N PHE A 33 0.56 8.87 -17.62
CA PHE A 33 1.71 8.42 -18.38
C PHE A 33 2.91 9.30 -18.17
N ILE A 34 2.71 10.59 -17.94
CA ILE A 34 3.81 11.53 -17.77
C ILE A 34 4.32 11.55 -16.32
N THR A 35 3.43 11.40 -15.37
CA THR A 35 3.77 11.43 -13.94
C THR A 35 4.29 10.09 -13.46
N TYR A 36 3.76 9.03 -14.03
CA TYR A 36 4.16 7.69 -13.64
C TYR A 36 4.49 6.86 -14.88
N PRO A 37 5.64 7.12 -15.45
CA PRO A 37 5.99 6.55 -16.74
C PRO A 37 5.97 5.04 -16.84
N GLN A 38 6.10 4.36 -15.71
CA GLN A 38 6.05 2.90 -15.68
C GLN A 38 4.72 2.34 -16.21
N THR A 39 3.66 3.13 -16.08
CA THR A 39 2.32 2.71 -16.51
C THR A 39 2.21 2.57 -18.05
N LYS A 40 3.12 3.20 -18.79
CA LYS A 40 3.08 3.11 -20.25
C LYS A 40 3.34 1.72 -20.76
N THR A 41 3.92 0.88 -19.96
CA THR A 41 4.24 -0.45 -20.44
C THR A 41 3.04 -1.37 -20.53
N TYR A 42 1.89 -0.88 -20.07
CA TYR A 42 0.64 -1.60 -20.24
C TYR A 42 0.04 -1.33 -21.61
N PHE A 43 0.64 -0.37 -22.29
CA PHE A 43 0.08 0.10 -23.52
C PHE A 43 1.09 0.05 -24.68
N PRO A 44 1.80 -1.03 -24.85
CA PRO A 44 2.82 -1.10 -25.90
C PRO A 44 2.23 -1.16 -27.30
N HIS A 45 0.92 -1.40 -27.33
CA HIS A 45 0.17 -1.44 -28.58
C HIS A 45 -0.48 -0.10 -28.93
N PHE A 46 -0.24 0.90 -28.09
CA PHE A 46 -0.73 2.25 -28.38
C PHE A 46 0.36 3.15 -28.89
N ASP A 47 -0.07 4.15 -29.63
CA ASP A 47 0.73 5.33 -29.89
C ASP A 47 0.64 6.17 -28.63
N LEU A 48 1.76 6.25 -27.89
CA LEU A 48 1.79 6.98 -26.63
C LEU A 48 2.49 8.34 -26.75
N SER A 49 2.61 8.82 -27.97
CA SER A 49 3.11 10.18 -28.20
C SER A 49 2.23 11.26 -27.64
N HIS A 50 2.81 12.36 -27.19
CA HIS A 50 1.92 13.31 -26.50
C HIS A 50 0.99 13.87 -27.54
N GLY A 51 -0.28 13.96 -27.16
CA GLY A 51 -1.30 14.47 -28.05
C GLY A 51 -2.10 13.39 -28.74
N SER A 52 -1.61 12.16 -28.65
CA SER A 52 -2.05 11.06 -29.49
C SER A 52 -3.54 10.77 -29.42
N ALA A 53 -4.15 10.49 -30.55
CA ALA A 53 -5.55 10.19 -30.60
C ALA A 53 -5.94 8.94 -29.85
N GLN A 54 -5.03 8.00 -29.75
CA GLN A 54 -5.32 6.77 -29.06
C GLN A 54 -5.40 6.95 -27.53
N ILE A 55 -4.56 7.83 -27.00
CA ILE A 55 -4.61 8.19 -25.59
C ILE A 55 -5.93 8.92 -25.29
N LYS A 56 -6.30 9.80 -26.19
CA LYS A 56 -7.52 10.56 -26.01
C LYS A 56 -8.77 9.70 -26.14
N GLY A 57 -8.75 8.79 -27.10
CA GLY A 57 -9.80 7.83 -27.27
C GLY A 57 -9.98 6.94 -26.06
N HIS A 58 -8.86 6.47 -25.56
CA HIS A 58 -8.90 5.58 -24.45
C HIS A 58 -9.29 6.26 -23.13
N GLY A 59 -8.72 7.41 -22.86
CA GLY A 59 -9.15 8.19 -21.70
C GLY A 59 -10.63 8.50 -21.73
N LYS A 60 -11.16 8.74 -22.91
CA LYS A 60 -12.58 8.96 -23.06
C LYS A 60 -13.37 7.76 -22.59
N LYS A 61 -12.92 6.57 -22.96
CA LYS A 61 -13.53 5.33 -22.49
C LYS A 61 -13.43 5.08 -20.99
N VAL A 62 -12.31 5.45 -20.39
CA VAL A 62 -12.14 5.32 -18.96
C VAL A 62 -13.17 6.20 -18.24
N ALA A 63 -13.36 7.41 -18.73
CA ALA A 63 -14.27 8.33 -18.10
C ALA A 63 -15.71 7.91 -18.30
N GLU A 64 -16.00 7.31 -19.44
CA GLU A 64 -17.33 6.81 -19.68
C GLU A 64 -17.71 5.66 -18.79
N ALA A 65 -16.72 4.86 -18.40
CA ALA A 65 -16.94 3.83 -17.41
C ALA A 65 -17.19 4.41 -16.02
N LEU A 66 -16.46 5.45 -15.67
CA LEU A 66 -16.74 6.13 -14.42
C LEU A 66 -18.16 6.70 -14.37
N VAL A 67 -18.61 7.22 -15.50
CA VAL A 67 -19.93 7.80 -15.59
C VAL A 67 -21.00 6.72 -15.46
N GLU A 68 -20.75 5.56 -16.07
CA GLU A 68 -21.63 4.42 -15.91
C GLU A 68 -21.70 3.96 -14.48
N ALA A 69 -20.55 3.93 -13.83
CA ALA A 69 -20.52 3.63 -12.43
C ALA A 69 -21.27 4.63 -11.56
N ALA A 70 -21.16 5.92 -11.86
CA ALA A 70 -21.95 6.92 -11.16
C ALA A 70 -23.46 6.76 -11.38
N ASN A 71 -23.85 6.42 -12.60
CA ASN A 71 -25.27 6.32 -12.93
C ASN A 71 -25.91 5.08 -12.31
N HIS A 72 -25.07 4.10 -11.98
CA HIS A 72 -25.55 2.88 -11.38
C HIS A 72 -24.76 2.59 -10.12
N ILE A 73 -24.67 3.61 -9.27
CA ILE A 73 -23.79 3.64 -8.12
C ILE A 73 -24.12 2.63 -7.01
N ASP A 74 -25.29 2.04 -7.07
CA ASP A 74 -25.66 1.07 -6.06
C ASP A 74 -25.20 -0.34 -6.39
N ASP A 75 -24.78 -0.55 -7.66
CA ASP A 75 -24.17 -1.79 -8.07
C ASP A 75 -23.09 -1.58 -9.11
N ILE A 76 -21.94 -1.14 -8.66
CA ILE A 76 -20.84 -0.85 -9.53
C ILE A 76 -20.22 -2.12 -10.09
N ALA A 77 -20.25 -3.18 -9.30
CA ALA A 77 -19.81 -4.49 -9.77
C ALA A 77 -20.57 -4.93 -11.02
N GLY A 78 -21.89 -4.89 -10.94
CA GLY A 78 -22.74 -5.16 -12.07
C GLY A 78 -22.41 -4.35 -13.29
N ALA A 79 -22.30 -3.03 -13.08
CA ALA A 79 -22.07 -2.09 -14.16
C ALA A 79 -20.80 -2.37 -14.92
N LEU A 80 -19.78 -2.83 -14.21
CA LEU A 80 -18.43 -2.92 -14.73
C LEU A 80 -17.95 -4.38 -14.77
N SER A 81 -18.85 -5.27 -15.08
CA SER A 81 -18.62 -6.69 -15.02
C SER A 81 -17.51 -7.19 -15.94
N LYS A 82 -17.65 -6.89 -17.23
CA LYS A 82 -16.67 -7.31 -18.23
C LYS A 82 -15.32 -6.70 -17.97
N LEU A 83 -15.35 -5.47 -17.52
CA LEU A 83 -14.15 -4.67 -17.36
C LEU A 83 -13.26 -5.26 -16.25
N SER A 84 -13.89 -5.91 -15.29
CA SER A 84 -13.20 -6.47 -14.16
C SER A 84 -12.37 -7.70 -14.56
N ASP A 85 -13.00 -8.65 -15.24
CA ASP A 85 -12.29 -9.78 -15.79
C ASP A 85 -11.18 -9.36 -16.74
N LEU A 86 -11.41 -8.26 -17.45
CA LEU A 86 -10.42 -7.72 -18.35
C LEU A 86 -9.15 -7.30 -17.61
N HIS A 87 -9.32 -6.55 -16.52
CA HIS A 87 -8.18 -5.93 -15.87
C HIS A 87 -7.40 -6.89 -14.98
N ALA A 88 -8.10 -7.79 -14.31
CA ALA A 88 -7.41 -8.70 -13.41
C ALA A 88 -7.01 -10.01 -14.07
N GLN A 89 -7.92 -10.60 -14.80
CA GLN A 89 -7.63 -11.88 -15.44
C GLN A 89 -6.82 -11.78 -16.73
N LYS A 90 -7.25 -10.93 -17.63
CA LYS A 90 -6.61 -10.82 -18.94
C LYS A 90 -5.34 -9.98 -18.93
N LEU A 91 -5.47 -8.76 -18.42
CA LEU A 91 -4.38 -7.79 -18.43
C LEU A 91 -3.42 -7.88 -17.24
N ARG A 92 -3.83 -8.52 -16.16
CA ARG A 92 -3.00 -8.60 -14.96
C ARG A 92 -2.43 -7.25 -14.50
N VAL A 93 -3.28 -6.24 -14.43
CA VAL A 93 -2.80 -4.93 -14.04
C VAL A 93 -2.41 -4.98 -12.56
N ASP A 94 -1.21 -4.49 -12.23
CA ASP A 94 -0.79 -4.42 -10.83
C ASP A 94 -1.76 -3.51 -10.05
N PRO A 95 -2.27 -3.96 -8.92
CA PRO A 95 -3.29 -3.19 -8.21
C PRO A 95 -2.81 -1.81 -7.79
N VAL A 96 -1.51 -1.62 -7.66
CA VAL A 96 -1.03 -0.29 -7.25
C VAL A 96 -1.36 0.79 -8.25
N ASN A 97 -1.55 0.41 -9.50
CA ASN A 97 -1.73 1.39 -10.54
C ASN A 97 -3.12 2.04 -10.54
N PHE A 98 -4.06 1.36 -9.93
CA PHE A 98 -5.39 1.94 -9.84
C PHE A 98 -5.45 3.18 -8.96
N LYS A 99 -4.68 3.20 -7.91
CA LYS A 99 -4.62 4.39 -7.08
C LYS A 99 -3.96 5.54 -7.81
N LEU A 100 -3.03 5.24 -8.68
CA LEU A 100 -2.36 6.26 -9.43
C LEU A 100 -3.31 6.91 -10.43
N LEU A 101 -4.06 6.12 -11.17
CA LEU A 101 -5.06 6.69 -12.09
C LEU A 101 -6.18 7.41 -11.37
N GLY A 102 -6.63 6.89 -10.26
CA GLY A 102 -7.69 7.56 -9.53
C GLY A 102 -7.21 8.92 -9.04
N HIS A 103 -5.98 8.98 -8.59
CA HIS A 103 -5.37 10.23 -8.20
C HIS A 103 -5.24 11.29 -9.31
N CYS A 104 -4.78 10.88 -10.48
CA CYS A 104 -4.84 11.68 -11.68
C CYS A 104 -6.20 12.19 -12.02
N PHE A 105 -7.28 11.40 -11.82
CA PHE A 105 -8.62 11.91 -12.05
CA PHE A 105 -8.62 11.90 -12.05
C PHE A 105 -8.93 13.06 -11.10
N LEU A 106 -8.54 12.93 -9.85
CA LEU A 106 -8.75 13.99 -8.88
C LEU A 106 -7.98 15.22 -9.23
N VAL A 107 -6.77 15.05 -9.68
CA VAL A 107 -5.97 16.15 -10.14
C VAL A 107 -6.63 16.90 -11.28
N VAL A 108 -7.11 16.22 -12.29
CA VAL A 108 -7.85 16.92 -13.33
C VAL A 108 -9.10 17.64 -12.86
N VAL A 109 -9.87 17.03 -11.99
CA VAL A 109 -10.97 17.73 -11.38
C VAL A 109 -10.53 19.01 -10.64
N ALA A 110 -9.45 18.95 -9.89
CA ALA A 110 -8.94 20.13 -9.23
C ALA A 110 -8.47 21.23 -10.19
N VAL A 111 -7.87 20.84 -11.29
CA VAL A 111 -7.36 21.81 -12.26
C VAL A 111 -8.52 22.60 -12.85
N HIS A 112 -9.59 21.93 -13.18
CA HIS A 112 -10.68 22.59 -13.92
C HIS A 112 -11.85 23.06 -13.09
N PHE A 113 -12.04 22.47 -11.92
CA PHE A 113 -13.22 22.73 -11.10
C PHE A 113 -12.83 22.91 -9.64
N PRO A 114 -11.96 23.89 -9.34
CA PRO A 114 -11.47 24.01 -7.98
C PRO A 114 -12.54 24.22 -6.91
N SER A 115 -13.60 25.00 -7.19
CA SER A 115 -14.59 25.23 -6.15
C SER A 115 -15.55 24.05 -5.99
N LEU A 116 -15.59 23.14 -6.95
CA LEU A 116 -16.35 21.92 -6.82
C LEU A 116 -15.67 20.96 -5.84
N LEU A 117 -14.34 20.90 -5.90
CA LEU A 117 -13.59 19.90 -5.16
C LEU A 117 -13.29 20.37 -3.75
N THR A 118 -14.34 20.52 -2.95
CA THR A 118 -14.18 20.82 -1.53
C THR A 118 -13.56 19.61 -0.81
N PRO A 119 -13.08 19.75 0.42
CA PRO A 119 -12.55 18.57 1.11
C PRO A 119 -13.59 17.44 1.21
N GLU A 120 -14.83 17.79 1.52
CA GLU A 120 -15.88 16.76 1.59
C GLU A 120 -16.04 16.02 0.24
N VAL A 121 -16.11 16.79 -0.85
CA VAL A 121 -16.28 16.19 -2.18
C VAL A 121 -15.05 15.38 -2.61
N HIS A 122 -13.87 15.90 -2.28
CA HIS A 122 -12.60 15.20 -2.47
C HIS A 122 -12.64 13.81 -1.75
N ALA A 123 -13.07 13.79 -0.48
CA ALA A 123 -13.25 12.53 0.26
C ALA A 123 -14.18 11.56 -0.45
N SER A 124 -15.33 12.06 -0.93
CA SER A 124 -16.31 11.20 -1.59
C SER A 124 -15.77 10.68 -2.93
N LEU A 125 -15.10 11.54 -3.70
CA LEU A 125 -14.57 11.14 -5.00
C LEU A 125 -13.42 10.15 -4.86
N ASP A 126 -12.57 10.36 -3.84
CA ASP A 126 -11.51 9.42 -3.56
C ASP A 126 -12.11 8.06 -3.26
N LYS A 127 -13.14 8.02 -2.40
CA LYS A 127 -13.79 6.73 -2.09
C LYS A 127 -14.38 6.08 -3.34
N PHE A 128 -14.95 6.90 -4.21
CA PHE A 128 -15.55 6.41 -5.44
C PHE A 128 -14.54 5.79 -6.39
N VAL A 129 -13.43 6.48 -6.66
CA VAL A 129 -12.44 5.95 -7.59
C VAL A 129 -11.76 4.70 -7.00
N LEU A 130 -11.64 4.64 -5.69
CA LEU A 130 -11.08 3.46 -5.05
C LEU A 130 -12.09 2.33 -5.14
N ALA A 131 -13.37 2.62 -4.94
CA ALA A 131 -14.40 1.58 -5.07
C ALA A 131 -14.41 0.96 -6.47
N VAL A 132 -14.22 1.79 -7.50
CA VAL A 132 -14.14 1.33 -8.87
C VAL A 132 -12.89 0.45 -9.10
N GLY A 133 -11.74 0.92 -8.61
CA GLY A 133 -10.48 0.17 -8.70
C GLY A 133 -10.56 -1.18 -8.00
N THR A 134 -11.27 -1.20 -6.87
CA THR A 134 -11.49 -2.42 -6.09
C THR A 134 -12.36 -3.41 -6.88
N VAL A 135 -13.46 -2.92 -7.47
CA VAL A 135 -14.31 -3.74 -8.35
C VAL A 135 -13.51 -4.33 -9.51
N LEU A 136 -12.64 -3.53 -10.12
CA LEU A 136 -11.90 -3.97 -11.31
C LEU A 136 -10.82 -4.99 -11.01
N THR A 137 -10.42 -5.06 -9.74
CA THR A 137 -9.37 -5.97 -9.29
C THR A 137 -9.91 -7.06 -8.35
N ALA A 138 -11.24 -7.25 -8.34
CA ALA A 138 -11.91 -8.11 -7.35
C ALA A 138 -11.44 -9.57 -7.35
N LYS A 139 -11.13 -10.10 -8.54
CA LYS A 139 -10.60 -11.46 -8.67
C LYS A 139 -9.28 -11.70 -7.91
N TYR A 140 -8.53 -10.63 -7.60
CA TYR A 140 -7.29 -10.75 -6.82
C TYR A 140 -7.52 -11.11 -5.35
N ARG A 141 -8.70 -10.75 -4.87
CA ARG A 141 -9.09 -10.91 -3.48
C ARG A 141 -10.46 -11.61 -3.38
N VAL B 1 18.51 10.50 -6.72
CA VAL B 1 17.63 11.43 -7.49
C VAL B 1 18.44 12.45 -8.30
N HIS B 2 18.08 12.63 -9.57
CA HIS B 2 18.65 13.67 -10.42
C HIS B 2 17.57 14.65 -10.84
N TRP B 3 17.86 15.94 -10.77
CA TRP B 3 16.92 17.00 -11.19
C TRP B 3 17.38 17.71 -12.45
N SER B 4 16.53 17.75 -13.48
CA SER B 4 16.82 18.53 -14.70
C SER B 4 16.56 20.02 -14.48
N ALA B 5 17.13 20.85 -15.36
CA ALA B 5 16.90 22.28 -15.31
C ALA B 5 15.39 22.56 -15.36
N GLU B 6 14.69 21.84 -16.22
CA GLU B 6 13.24 22.00 -16.40
C GLU B 6 12.48 21.69 -15.10
N GLU B 7 12.82 20.58 -14.44
CA GLU B 7 12.20 20.20 -13.17
C GLU B 7 12.47 21.24 -12.09
N LYS B 8 13.70 21.71 -12.00
CA LYS B 8 14.03 22.76 -11.04
C LYS B 8 13.20 24.05 -11.26
N GLN B 9 13.03 24.45 -12.51
CA GLN B 9 12.24 25.61 -12.83
C GLN B 9 10.78 25.43 -12.44
N LEU B 10 10.23 24.28 -12.78
CA LEU B 10 8.82 23.98 -12.44
C LEU B 10 8.56 24.02 -10.94
N ILE B 11 9.53 23.55 -10.18
CA ILE B 11 9.39 23.49 -8.74
C ILE B 11 9.58 24.85 -8.10
N THR B 12 10.60 25.54 -8.52
CA THR B 12 10.92 26.82 -7.93
C THR B 12 9.87 27.89 -8.23
N SER B 13 9.35 27.88 -9.45
CA SER B 13 8.33 28.83 -9.82
C SER B 13 7.02 28.66 -9.07
N ILE B 14 6.53 27.43 -8.97
CA ILE B 14 5.33 27.15 -8.18
C ILE B 14 5.54 27.51 -6.71
N TRP B 15 6.68 27.15 -6.15
CA TRP B 15 6.92 27.49 -4.77
C TRP B 15 6.83 29.00 -4.51
N GLY B 16 7.53 29.77 -5.33
CA GLY B 16 7.53 31.22 -5.14
C GLY B 16 6.11 31.78 -5.06
N LYS B 17 5.22 31.23 -5.86
CA LYS B 17 3.89 31.80 -6.12
C LYS B 17 2.80 31.22 -5.23
N VAL B 18 3.05 30.06 -4.63
CA VAL B 18 2.03 29.42 -3.81
C VAL B 18 1.74 30.20 -2.53
N ASN B 19 0.46 30.31 -2.18
CA ASN B 19 0.05 30.80 -0.87
C ASN B 19 0.31 29.77 0.21
N VAL B 20 1.42 29.92 0.89
CA VAL B 20 1.88 28.89 1.81
C VAL B 20 0.89 28.71 2.95
N ALA B 21 0.37 29.80 3.53
CA ALA B 21 -0.57 29.67 4.65
C ALA B 21 -1.85 28.95 4.24
N ASP B 22 -2.44 29.34 3.13
CA ASP B 22 -3.73 28.80 2.77
C ASP B 22 -3.58 27.39 2.21
N CYS B 23 -2.58 27.16 1.39
CA CYS B 23 -2.42 25.83 0.81
C CYS B 23 -1.91 24.80 1.82
N GLY B 24 -1.13 25.27 2.78
CA GLY B 24 -0.69 24.40 3.84
C GLY B 24 -1.82 23.98 4.75
N ALA B 25 -2.67 24.91 5.11
CA ALA B 25 -3.83 24.62 5.91
C ALA B 25 -4.74 23.66 5.16
N GLU B 26 -4.91 23.90 3.87
CA GLU B 26 -5.75 23.04 3.04
CA GLU B 26 -5.75 23.05 3.04
C GLU B 26 -5.21 21.62 2.96
N ALA B 27 -3.90 21.47 2.78
CA ALA B 27 -3.30 20.15 2.67
C ALA B 27 -3.49 19.35 3.94
N LEU B 28 -3.25 19.97 5.08
CA LEU B 28 -3.40 19.25 6.35
C LEU B 28 -4.86 18.91 6.60
N ALA B 29 -5.75 19.87 6.38
CA ALA B 29 -7.18 19.61 6.62
C ALA B 29 -7.65 18.44 5.76
N ARG B 30 -7.27 18.44 4.49
CA ARG B 30 -7.66 17.35 3.57
C ARG B 30 -7.06 15.99 3.97
N LEU B 31 -5.82 15.99 4.46
CA LEU B 31 -5.25 14.76 4.99
C LEU B 31 -6.16 14.18 6.09
N LEU B 32 -6.58 15.03 7.00
CA LEU B 32 -7.36 14.62 8.16
C LEU B 32 -8.80 14.24 7.80
N ILE B 33 -9.34 14.84 6.75
CA ILE B 33 -10.71 14.58 6.31
C ILE B 33 -10.75 13.35 5.40
N VAL B 34 -9.84 13.28 4.45
CA VAL B 34 -9.86 12.23 3.43
C VAL B 34 -9.35 10.89 4.00
N TYR B 35 -8.41 10.96 4.92
CA TYR B 35 -7.76 9.77 5.50
C TYR B 35 -7.85 9.85 7.03
N PRO B 36 -9.05 9.57 7.58
CA PRO B 36 -9.30 10.02 8.97
C PRO B 36 -8.51 9.35 10.06
N TRP B 37 -7.91 8.19 9.81
CA TRP B 37 -7.03 7.62 10.82
C TRP B 37 -5.85 8.56 11.18
N THR B 38 -5.48 9.45 10.25
CA THR B 38 -4.39 10.39 10.54
C THR B 38 -4.72 11.35 11.69
N GLN B 39 -6.01 11.52 11.97
CA GLN B 39 -6.45 12.32 13.13
C GLN B 39 -5.89 11.81 14.45
N ARG B 40 -5.61 10.51 14.52
CA ARG B 40 -5.08 9.89 15.75
CA ARG B 40 -5.09 9.91 15.75
C ARG B 40 -3.81 10.60 16.25
N PHE B 41 -3.00 11.10 15.32
CA PHE B 41 -1.69 11.71 15.67
C PHE B 41 -1.82 13.13 16.18
N PHE B 42 -3.00 13.71 16.02
CA PHE B 42 -3.25 15.14 16.25
C PHE B 42 -4.25 15.37 17.37
N SER B 43 -4.29 14.48 18.34
CA SER B 43 -5.28 14.59 19.38
C SER B 43 -5.16 15.80 20.29
N SER B 44 -4.00 16.43 20.31
CA SER B 44 -3.80 17.65 21.11
CA SER B 44 -3.82 17.64 21.12
C SER B 44 -4.36 18.88 20.41
N PHE B 45 -4.78 18.71 19.16
CA PHE B 45 -5.22 19.85 18.37
C PHE B 45 -6.67 20.26 18.62
N GLY B 46 -7.38 19.50 19.46
CA GLY B 46 -8.76 19.85 19.80
C GLY B 46 -9.78 19.23 18.87
N ASN B 47 -10.71 20.05 18.39
CA ASN B 47 -11.87 19.56 17.66
C ASN B 47 -11.57 19.18 16.20
N LEU B 48 -11.61 17.88 15.93
CA LEU B 48 -11.44 17.32 14.57
C LEU B 48 -12.64 16.46 14.15
N SER B 49 -13.81 16.80 14.68
CA SER B 49 -14.96 15.90 14.64
C SER B 49 -15.85 16.08 13.41
N SER B 50 -15.49 17.04 12.55
CA SER B 50 -16.19 17.24 11.28
C SER B 50 -15.25 17.93 10.31
N ALA B 51 -15.57 17.84 9.02
CA ALA B 51 -14.83 18.55 7.98
C ALA B 51 -14.77 20.06 8.22
N THR B 52 -15.93 20.62 8.61
CA THR B 52 -16.01 22.04 8.97
C THR B 52 -15.10 22.37 10.15
N ALA B 53 -15.18 21.55 11.21
CA ALA B 53 -14.36 21.75 12.41
C ALA B 53 -12.87 21.64 12.10
N ILE B 54 -12.48 20.64 11.31
CA ILE B 54 -11.09 20.47 10.92
C ILE B 54 -10.59 21.68 10.13
N SER B 55 -11.35 22.06 9.11
CA SER B 55 -10.95 23.17 8.27
C SER B 55 -10.87 24.51 9.02
N GLY B 56 -11.71 24.68 10.05
CA GLY B 56 -11.68 25.92 10.85
C GLY B 56 -10.77 25.87 12.07
N ASN B 57 -10.15 24.74 12.31
CA ASN B 57 -9.36 24.56 13.53
C ASN B 57 -8.04 25.34 13.49
N PRO B 58 -7.82 26.26 14.43
CA PRO B 58 -6.66 27.13 14.31
C PRO B 58 -5.35 26.36 14.43
N ASN B 59 -5.33 25.28 15.19
CA ASN B 59 -4.13 24.46 15.27
C ASN B 59 -3.80 23.73 13.97
N VAL B 60 -4.84 23.22 13.32
CA VAL B 60 -4.69 22.59 12.01
C VAL B 60 -4.14 23.62 11.03
N LYS B 61 -4.76 24.79 11.01
CA LYS B 61 -4.30 25.86 10.11
C LYS B 61 -2.85 26.29 10.34
N ALA B 62 -2.47 26.45 11.60
CA ALA B 62 -1.10 26.89 11.90
C ALA B 62 -0.11 25.78 11.60
N HIS B 63 -0.46 24.54 11.92
CA HIS B 63 0.44 23.43 11.63
C HIS B 63 0.62 23.17 10.12
N GLY B 64 -0.47 23.33 9.39
CA GLY B 64 -0.43 23.20 7.94
C GLY B 64 0.57 24.16 7.31
N LYS B 65 0.61 25.38 7.82
CA LYS B 65 1.59 26.33 7.36
C LYS B 65 3.02 25.86 7.60
N LYS B 66 3.30 25.32 8.78
CA LYS B 66 4.61 24.74 9.07
C LYS B 66 4.98 23.61 8.12
N VAL B 67 4.00 22.78 7.78
CA VAL B 67 4.24 21.65 6.93
C VAL B 67 4.62 22.05 5.50
N LEU B 68 3.87 22.97 4.93
CA LEU B 68 4.23 23.44 3.60
C LEU B 68 5.51 24.26 3.59
N THR B 69 5.74 25.01 4.65
CA THR B 69 7.04 25.66 4.81
C THR B 69 8.20 24.65 4.78
N SER B 70 8.03 23.51 5.43
CA SER B 70 9.02 22.42 5.40
C SER B 70 9.20 21.85 3.98
N PHE B 71 8.12 21.60 3.23
CA PHE B 71 8.29 21.24 1.82
C PHE B 71 9.12 22.33 1.08
N GLY B 72 8.89 23.59 1.44
CA GLY B 72 9.76 24.68 0.96
C GLY B 72 11.24 24.49 1.21
N ASP B 73 11.60 23.90 2.34
CA ASP B 73 13.01 23.57 2.58
C ASP B 73 13.56 22.55 1.59
N ALA B 74 12.71 21.66 1.09
CA ALA B 74 13.13 20.75 0.03
C ALA B 74 13.38 21.52 -1.26
N VAL B 75 12.43 22.38 -1.62
CA VAL B 75 12.57 23.25 -2.80
C VAL B 75 13.89 24.00 -2.82
N LYS B 76 14.28 24.55 -1.68
CA LYS B 76 15.43 25.42 -1.60
C LYS B 76 16.79 24.75 -1.75
N ASN B 77 16.83 23.44 -1.53
CA ASN B 77 18.01 22.64 -1.87
C ASN B 77 17.63 21.22 -2.27
N LEU B 78 17.38 21.07 -3.55
CA LEU B 78 16.84 19.85 -4.09
C LEU B 78 17.80 18.66 -4.08
N ASP B 79 19.10 18.95 -4.00
CA ASP B 79 20.10 17.89 -3.93
C ASP B 79 20.56 17.56 -2.51
N ASN B 80 19.89 18.16 -1.51
CA ASN B 80 20.21 17.94 -0.09
C ASN B 80 18.97 17.53 0.71
N ILE B 81 17.97 16.96 0.04
CA ILE B 81 16.74 16.60 0.73
C ILE B 81 16.96 15.61 1.90
N LYS B 82 17.83 14.62 1.72
CA LYS B 82 18.07 13.64 2.78
C LYS B 82 18.49 14.33 4.10
N GLY B 83 19.46 15.23 4.01
CA GLY B 83 19.93 15.98 5.18
C GLY B 83 18.88 16.92 5.77
N THR B 84 18.17 17.62 4.90
CA THR B 84 17.14 18.54 5.34
C THR B 84 16.08 17.87 6.23
N PHE B 85 15.77 16.61 5.94
CA PHE B 85 14.70 15.92 6.64
C PHE B 85 15.13 14.89 7.69
N ALA B 86 16.42 14.86 7.98
CA ALA B 86 16.96 13.87 8.92
C ALA B 86 16.36 14.01 10.33
N GLN B 87 16.33 15.22 10.85
CA GLN B 87 15.73 15.45 12.17
C GLN B 87 14.24 15.23 12.18
N LEU B 88 13.56 15.67 11.14
CA LEU B 88 12.13 15.41 11.02
C LEU B 88 11.84 13.91 10.88
N SER B 89 12.77 13.18 10.31
CA SER B 89 12.60 11.74 10.16
C SER B 89 12.64 11.05 11.51
N GLU B 90 13.54 11.51 12.36
CA GLU B 90 13.60 10.97 13.72
C GLU B 90 12.27 11.21 14.44
N LEU B 91 11.75 12.43 14.34
CA LEU B 91 10.49 12.77 14.93
C LEU B 91 9.35 11.87 14.45
N HIS B 92 9.15 11.80 13.14
CA HIS B 92 7.98 11.17 12.58
C HIS B 92 8.05 9.66 12.74
N CYS B 93 9.26 9.12 12.73
CA CYS B 93 9.42 7.66 12.79
C CYS B 93 9.58 7.14 14.21
N ASP B 94 10.57 7.66 14.91
CA ASP B 94 10.97 7.15 16.23
C ASP B 94 10.09 7.65 17.38
N LYS B 95 9.61 8.88 17.25
CA LYS B 95 8.79 9.49 18.29
C LYS B 95 7.29 9.36 18.04
N LEU B 96 6.87 9.68 16.83
CA LEU B 96 5.44 9.70 16.53
C LEU B 96 4.92 8.40 15.88
N HIS B 97 5.82 7.60 15.35
CA HIS B 97 5.47 6.33 14.72
C HIS B 97 4.44 6.44 13.59
N VAL B 98 4.67 7.36 12.69
CA VAL B 98 3.82 7.55 11.53
C VAL B 98 4.28 6.60 10.45
N ASP B 99 3.41 5.73 9.96
CA ASP B 99 3.84 4.84 8.89
C ASP B 99 4.11 5.64 7.64
N PRO B 100 5.17 5.33 6.93
CA PRO B 100 5.51 6.07 5.73
C PRO B 100 4.46 6.15 4.62
N GLU B 101 3.52 5.23 4.58
CA GLU B 101 2.50 5.35 3.58
C GLU B 101 1.76 6.66 3.73
N ASN B 102 1.68 7.17 4.93
CA ASN B 102 0.98 8.42 5.12
C ASN B 102 1.72 9.61 4.55
N PHE B 103 3.04 9.49 4.45
CA PHE B 103 3.82 10.54 3.79
C PHE B 103 3.45 10.58 2.30
N ARG B 104 3.26 9.42 1.69
CA ARG B 104 2.76 9.34 0.34
C ARG B 104 1.39 9.99 0.19
N LEU B 105 0.49 9.72 1.12
CA LEU B 105 -0.83 10.31 1.06
C LEU B 105 -0.83 11.81 1.17
N LEU B 106 -0.04 12.33 2.10
CA LEU B 106 0.09 13.78 2.21
C LEU B 106 0.68 14.38 0.92
N GLY B 107 1.67 13.72 0.33
CA GLY B 107 2.22 14.19 -0.94
C GLY B 107 1.16 14.28 -2.01
N ASP B 108 0.32 13.26 -2.12
CA ASP B 108 -0.73 13.22 -3.12
C ASP B 108 -1.73 14.35 -2.87
N ILE B 109 -2.10 14.54 -1.63
CA ILE B 109 -2.94 15.66 -1.27
CA ILE B 109 -2.94 15.65 -1.20
C ILE B 109 -2.34 17.01 -1.64
N LEU B 110 -1.08 17.24 -1.33
CA LEU B 110 -0.43 18.46 -1.76
C LEU B 110 -0.48 18.71 -3.26
N VAL B 111 -0.25 17.68 -4.05
CA VAL B 111 -0.39 17.76 -5.48
C VAL B 111 -1.80 18.20 -5.92
N ILE B 112 -2.83 17.61 -5.34
CA ILE B 112 -4.19 18.05 -5.58
C ILE B 112 -4.45 19.50 -5.17
N ILE B 113 -3.95 19.90 -4.02
CA ILE B 113 -4.02 21.29 -3.58
C ILE B 113 -3.33 22.27 -4.53
N LEU B 114 -2.13 21.93 -4.98
CA LEU B 114 -1.45 22.76 -5.97
C LEU B 114 -2.21 22.84 -7.30
N ALA B 115 -2.76 21.73 -7.74
CA ALA B 115 -3.57 21.70 -8.93
C ALA B 115 -4.75 22.64 -8.80
N ALA B 116 -5.44 22.60 -7.67
CA ALA B 116 -6.53 23.54 -7.46
C ALA B 116 -6.10 24.99 -7.43
N HIS B 117 -4.95 25.26 -6.84
CA HIS B 117 -4.47 26.63 -6.68
C HIS B 117 -4.02 27.23 -8.00
N PHE B 118 -3.41 26.43 -8.87
CA PHE B 118 -2.76 26.91 -10.07
C PHE B 118 -3.54 26.67 -11.37
N GLY B 119 -4.55 25.80 -11.32
CA GLY B 119 -5.35 25.53 -12.52
C GLY B 119 -4.47 25.01 -13.64
N LYS B 120 -4.71 25.50 -14.84
CA LYS B 120 -4.00 24.99 -16.01
C LYS B 120 -2.52 25.25 -16.06
N ASP B 121 -2.03 26.13 -15.21
CA ASP B 121 -0.61 26.31 -15.11
C ASP B 121 0.04 25.09 -14.44
N PHE B 122 -0.75 24.25 -13.76
CA PHE B 122 -0.25 23.00 -13.19
C PHE B 122 -0.31 21.92 -14.25
N THR B 123 0.58 22.04 -15.24
CA THR B 123 0.61 21.18 -16.42
C THR B 123 0.99 19.75 -16.02
N PRO B 124 0.82 18.78 -16.91
CA PRO B 124 1.23 17.42 -16.59
C PRO B 124 2.73 17.36 -16.21
N GLU B 125 3.57 18.12 -16.89
CA GLU B 125 4.98 18.16 -16.50
C GLU B 125 5.24 18.76 -15.12
N CYS B 126 4.49 19.80 -14.79
CA CYS B 126 4.53 20.38 -13.46
C CYS B 126 4.12 19.35 -12.41
N GLN B 127 3.01 18.66 -12.64
CA GLN B 127 2.61 17.55 -11.79
C GLN B 127 3.67 16.48 -11.63
N ALA B 128 4.28 16.09 -12.74
CA ALA B 128 5.36 15.10 -12.70
C ALA B 128 6.48 15.55 -11.76
N ALA B 129 6.89 16.80 -11.88
CA ALA B 129 7.99 17.32 -11.09
C ALA B 129 7.62 17.40 -9.61
N TRP B 130 6.40 17.81 -9.31
CA TRP B 130 5.96 17.89 -7.94
C TRP B 130 5.70 16.55 -7.27
N GLN B 131 5.16 15.60 -8.00
CA GLN B 131 5.03 14.25 -7.47
C GLN B 131 6.40 13.62 -7.21
N LYS B 132 7.33 13.81 -8.12
CA LYS B 132 8.72 13.46 -7.85
C LYS B 132 9.24 14.11 -6.56
N LEU B 133 9.00 15.39 -6.36
CA LEU B 133 9.46 16.06 -5.16
C LEU B 133 8.85 15.50 -3.86
N VAL B 134 7.54 15.32 -3.82
CA VAL B 134 6.94 14.78 -2.61
C VAL B 134 7.33 13.35 -2.33
N ARG B 135 7.70 12.62 -3.38
CA ARG B 135 8.22 11.26 -3.22
C ARG B 135 9.62 11.25 -2.67
N VAL B 136 10.46 12.12 -3.16
CA VAL B 136 11.77 12.29 -2.56
C VAL B 136 11.74 12.71 -1.08
N VAL B 137 10.89 13.67 -0.75
CA VAL B 137 10.68 14.05 0.63
C VAL B 137 10.19 12.88 1.50
N ALA B 138 9.22 12.13 1.03
CA ALA B 138 8.72 10.99 1.76
C ALA B 138 9.83 9.95 1.98
N HIS B 139 10.67 9.76 0.99
CA HIS B 139 11.78 8.83 1.06
C HIS B 139 12.78 9.28 2.09
N ALA B 140 13.02 10.57 2.16
CA ALA B 140 13.94 11.14 3.15
C ALA B 140 13.39 11.07 4.56
N LEU B 141 12.09 11.15 4.72
CA LEU B 141 11.50 11.02 6.05
C LEU B 141 11.47 9.58 6.52
N ALA B 142 11.38 8.66 5.58
CA ALA B 142 11.33 7.23 5.88
C ALA B 142 12.71 6.64 5.67
N ARG B 143 13.65 7.02 6.50
CA ARG B 143 15.03 6.56 6.33
C ARG B 143 15.40 5.75 7.55
N LYS B 144 15.12 6.30 8.72
CA LYS B 144 15.47 5.65 9.99
C LYS B 144 14.98 4.22 10.07
N TYR B 145 14.32 3.75 9.01
CA TYR B 145 14.22 2.32 8.73
C TYR B 145 15.35 1.84 7.83
N HIS B 146 15.08 1.75 6.53
CA HIS B 146 15.68 0.72 5.68
C HIS B 146 16.65 1.22 4.61
N VAL C 1 -13.57 -12.23 -4.64
CA VAL C 1 -14.18 -12.67 -3.41
C VAL C 1 -13.58 -14.00 -3.05
N LEU C 2 -13.70 -14.41 -1.79
CA LEU C 2 -13.27 -15.74 -1.42
C LEU C 2 -14.08 -16.73 -2.24
N SER C 3 -13.39 -17.62 -2.93
CA SER C 3 -14.05 -18.69 -3.66
C SER C 3 -14.48 -19.81 -2.73
N ALA C 4 -15.26 -20.76 -3.21
CA ALA C 4 -15.64 -21.90 -2.37
C ALA C 4 -14.44 -22.71 -1.89
N ASN C 5 -13.42 -22.76 -2.72
CA ASN C 5 -12.26 -23.53 -2.37
C ASN C 5 -11.46 -22.80 -1.30
N ASP C 6 -11.43 -21.48 -1.39
CA ASP C 6 -10.80 -20.65 -0.38
C ASP C 6 -11.47 -20.93 0.98
N LYS C 7 -12.80 -21.01 0.97
CA LYS C 7 -13.53 -21.21 2.20
C LYS C 7 -13.25 -22.55 2.84
N SER C 8 -13.24 -23.59 2.01
CA SER C 8 -12.83 -24.90 2.45
C SER C 8 -11.46 -24.92 3.10
N ASN C 9 -10.51 -24.25 2.45
CA ASN C 9 -9.14 -24.18 2.92
C ASN C 9 -9.06 -23.48 4.28
N VAL C 10 -9.74 -22.36 4.41
CA VAL C 10 -9.76 -21.64 5.67
C VAL C 10 -10.36 -22.45 6.81
N LYS C 11 -11.48 -23.10 6.54
CA LYS C 11 -12.11 -23.89 7.58
C LYS C 11 -11.28 -25.09 7.96
N ALA C 12 -10.60 -25.66 6.98
CA ALA C 12 -9.67 -26.72 7.26
C ALA C 12 -8.53 -26.29 8.14
N VAL C 13 -7.97 -25.13 7.83
CA VAL C 13 -6.94 -24.59 8.68
C VAL C 13 -7.40 -24.40 10.13
N PHE C 14 -8.55 -23.77 10.32
CA PHE C 14 -9.08 -23.51 11.64
C PHE C 14 -9.52 -24.77 12.39
N ALA C 15 -9.98 -25.76 11.64
CA ALA C 15 -10.27 -27.07 12.24
C ALA C 15 -9.00 -27.74 12.77
N LYS C 16 -7.94 -27.73 11.99
CA LYS C 16 -6.63 -28.18 12.44
C LYS C 16 -6.04 -27.47 13.65
N ILE C 17 -6.10 -26.15 13.64
CA ILE C 17 -5.64 -25.36 14.75
C ILE C 17 -6.46 -25.73 15.99
N GLY C 18 -7.76 -25.84 15.82
CA GLY C 18 -8.66 -26.18 16.90
C GLY C 18 -8.51 -25.34 18.14
N GLY C 19 -8.33 -25.98 19.29
CA GLY C 19 -8.26 -25.29 20.56
C GLY C 19 -6.98 -24.50 20.79
N GLN C 20 -6.05 -24.60 19.84
CA GLN C 20 -4.80 -23.85 19.91
C GLN C 20 -4.94 -22.41 19.44
N ALA C 21 -6.08 -22.06 18.88
CA ALA C 21 -6.28 -20.73 18.33
C ALA C 21 -5.86 -19.61 19.26
N GLY C 22 -6.33 -19.63 20.49
CA GLY C 22 -6.01 -18.60 21.45
C GLY C 22 -4.53 -18.36 21.66
N ASP C 23 -3.80 -19.44 21.80
CA ASP C 23 -2.37 -19.39 21.96
C ASP C 23 -1.68 -18.85 20.70
N LEU C 24 -2.13 -19.26 19.54
CA LEU C 24 -1.59 -18.72 18.29
C LEU C 24 -1.85 -17.24 18.08
N GLY C 25 -2.99 -16.77 18.59
CA GLY C 25 -3.29 -15.34 18.59
C GLY C 25 -2.29 -14.56 19.42
N GLY C 26 -1.98 -15.07 20.61
CA GLY C 26 -0.94 -14.45 21.45
C GLY C 26 0.42 -14.41 20.76
N GLU C 27 0.76 -15.47 20.06
CA GLU C 27 2.01 -15.52 19.36
CA GLU C 27 2.02 -15.53 19.35
C GLU C 27 2.06 -14.54 18.20
N ALA C 28 0.95 -14.40 17.51
CA ALA C 28 0.87 -13.49 16.38
C ALA C 28 1.08 -12.07 16.84
N LEU C 29 0.45 -11.73 17.94
CA LEU C 29 0.58 -10.40 18.52
C LEU C 29 1.98 -10.13 19.06
N GLU C 30 2.59 -11.11 19.67
CA GLU C 30 3.95 -11.00 20.13
C GLU C 30 4.90 -10.72 18.96
N ARG C 31 4.69 -11.42 17.88
CA ARG C 31 5.44 -11.21 16.66
C ARG C 31 5.20 -9.87 16.01
N LEU C 32 3.95 -9.41 16.09
CA LEU C 32 3.63 -8.10 15.58
C LEU C 32 4.44 -7.03 16.29
N PHE C 33 4.45 -7.06 17.61
CA PHE C 33 5.11 -6.01 18.39
C PHE C 33 6.62 -6.04 18.25
N ILE C 34 7.20 -7.24 18.13
CA ILE C 34 8.66 -7.38 17.99
C ILE C 34 9.13 -7.06 16.54
N THR C 35 8.36 -7.47 15.54
CA THR C 35 8.76 -7.31 14.14
C THR C 35 8.45 -5.90 13.64
N TYR C 36 7.36 -5.33 14.14
CA TYR C 36 6.89 -4.02 13.74
C TYR C 36 6.63 -3.15 14.98
N PRO C 37 7.72 -2.69 15.64
CA PRO C 37 7.65 -2.02 16.94
C PRO C 37 6.70 -0.83 16.99
N GLN C 38 6.52 -0.15 15.86
CA GLN C 38 5.59 0.98 15.76
C GLN C 38 4.15 0.62 16.18
N THR C 39 3.78 -0.64 16.04
CA THR C 39 2.43 -1.07 16.42
C THR C 39 2.17 -1.02 17.93
N LYS C 40 3.24 -1.02 18.73
CA LYS C 40 3.12 -0.91 20.19
C LYS C 40 2.44 0.41 20.63
N THR C 41 2.45 1.40 19.75
CA THR C 41 1.88 2.73 20.02
C THR C 41 0.40 2.68 20.39
N TYR C 42 -0.29 1.64 19.90
CA TYR C 42 -1.72 1.50 20.12
C TYR C 42 -2.07 0.94 21.49
N PHE C 43 -1.06 0.46 22.21
CA PHE C 43 -1.28 -0.24 23.49
C PHE C 43 -0.48 0.38 24.65
N PRO C 44 -0.57 1.71 24.81
CA PRO C 44 0.22 2.33 25.89
C PRO C 44 -0.30 1.93 27.26
N HIS C 45 -1.55 1.46 27.31
CA HIS C 45 -2.17 0.99 28.54
C HIS C 45 -1.82 -0.45 28.91
N PHE C 46 -1.04 -1.12 28.06
CA PHE C 46 -0.65 -2.53 28.25
C PHE C 46 0.70 -2.62 28.91
N ASP C 47 0.90 -3.68 29.70
CA ASP C 47 2.23 -4.20 29.97
C ASP C 47 2.69 -4.89 28.68
N LEU C 48 3.76 -4.36 28.07
CA LEU C 48 4.27 -4.87 26.80
C LEU C 48 5.63 -5.56 26.90
N SER C 49 6.01 -5.91 28.12
CA SER C 49 7.25 -6.63 28.37
C SER C 49 7.18 -8.05 27.78
N HIS C 50 8.33 -8.65 27.55
CA HIS C 50 8.42 -10.01 27.07
C HIS C 50 7.71 -10.97 28.04
N GLY C 51 6.80 -11.76 27.52
CA GLY C 51 6.08 -12.74 28.33
C GLY C 51 4.75 -12.23 28.87
N SER C 52 4.46 -10.99 28.57
CA SER C 52 3.33 -10.26 29.15
C SER C 52 2.01 -11.01 29.05
N ALA C 53 1.35 -11.17 30.19
CA ALA C 53 0.07 -11.85 30.28
C ALA C 53 -1.01 -11.08 29.51
N GLN C 54 -0.84 -9.77 29.39
CA GLN C 54 -1.83 -8.91 28.78
C GLN C 54 -1.76 -9.09 27.28
N ILE C 55 -0.55 -9.20 26.74
CA ILE C 55 -0.40 -9.53 25.34
C ILE C 55 -1.03 -10.90 25.01
N LYS C 56 -0.81 -11.87 25.85
CA LYS C 56 -1.36 -13.19 25.63
C LYS C 56 -2.87 -13.21 25.73
N GLY C 57 -3.40 -12.54 26.73
CA GLY C 57 -4.85 -12.40 26.89
C GLY C 57 -5.50 -11.69 25.71
N HIS C 58 -4.89 -10.63 25.23
CA HIS C 58 -5.41 -9.94 24.08
C HIS C 58 -5.35 -10.76 22.79
N GLY C 59 -4.24 -11.48 22.64
CA GLY C 59 -4.12 -12.38 21.50
C GLY C 59 -5.25 -13.40 21.44
N LYS C 60 -5.70 -13.88 22.59
CA LYS C 60 -6.84 -14.76 22.64
C LYS C 60 -8.12 -14.11 22.11
N LYS C 61 -8.31 -12.84 22.40
CA LYS C 61 -9.45 -12.12 21.86
C LYS C 61 -9.39 -11.98 20.35
N VAL C 62 -8.23 -11.63 19.81
CA VAL C 62 -8.03 -11.54 18.39
C VAL C 62 -8.29 -12.86 17.68
N ALA C 63 -7.80 -13.94 18.26
CA ALA C 63 -8.02 -15.24 17.68
C ALA C 63 -9.49 -15.66 17.76
N GLU C 64 -10.17 -15.40 18.87
CA GLU C 64 -11.63 -15.59 18.95
C GLU C 64 -12.38 -14.92 17.81
N ALA C 65 -12.02 -13.69 17.51
CA ALA C 65 -12.65 -12.99 16.42
C ALA C 65 -12.35 -13.59 15.05
N LEU C 66 -11.13 -14.05 14.84
CA LEU C 66 -10.82 -14.71 13.58
C LEU C 66 -11.59 -16.02 13.45
N VAL C 67 -11.69 -16.77 14.53
CA VAL C 67 -12.49 -18.00 14.55
C VAL C 67 -13.93 -17.70 14.17
N GLU C 68 -14.51 -16.66 14.73
CA GLU C 68 -15.86 -16.31 14.36
C GLU C 68 -15.97 -15.92 12.92
N ALA C 69 -14.98 -15.21 12.41
CA ALA C 69 -14.99 -14.90 11.00
C ALA C 69 -14.89 -16.15 10.14
N ALA C 70 -14.09 -17.11 10.54
CA ALA C 70 -14.01 -18.39 9.80
C ALA C 70 -15.35 -19.14 9.87
N ASN C 71 -16.00 -19.09 11.01
CA ASN C 71 -17.28 -19.76 11.18
C ASN C 71 -18.39 -19.09 10.40
N HIS C 72 -18.23 -17.80 10.11
CA HIS C 72 -19.23 -17.03 9.38
C HIS C 72 -18.62 -16.46 8.11
N ILE C 73 -17.88 -17.30 7.41
CA ILE C 73 -17.00 -16.83 6.34
C ILE C 73 -17.79 -16.30 5.15
N ASP C 74 -19.05 -16.71 5.09
CA ASP C 74 -19.96 -16.26 4.04
C ASP C 74 -20.40 -14.80 4.22
N ASP C 75 -20.28 -14.27 5.43
CA ASP C 75 -20.64 -12.88 5.72
C ASP C 75 -19.78 -12.29 6.84
N ILE C 76 -18.53 -12.00 6.53
CA ILE C 76 -17.60 -11.47 7.51
C ILE C 76 -17.97 -10.07 7.98
N ALA C 77 -18.42 -9.22 7.07
CA ALA C 77 -18.89 -7.89 7.39
C ALA C 77 -19.99 -7.89 8.44
N GLY C 78 -20.90 -8.83 8.32
CA GLY C 78 -21.96 -8.99 9.29
C GLY C 78 -21.46 -9.41 10.64
N ALA C 79 -20.55 -10.37 10.67
CA ALA C 79 -20.09 -10.92 11.93
C ALA C 79 -19.24 -9.92 12.71
N LEU C 80 -18.47 -9.10 12.00
CA LEU C 80 -17.49 -8.24 12.66
C LEU C 80 -17.85 -6.74 12.58
N SER C 81 -19.08 -6.43 12.21
CA SER C 81 -19.51 -5.04 12.06
C SER C 81 -19.10 -4.13 13.23
N LYS C 82 -19.31 -4.55 14.46
CA LYS C 82 -19.04 -3.62 15.54
C LYS C 82 -17.55 -3.54 15.87
N LEU C 83 -16.82 -4.56 15.48
CA LEU C 83 -15.39 -4.58 15.67
C LEU C 83 -14.77 -3.56 14.74
N SER C 84 -15.38 -3.43 13.59
CA SER C 84 -14.97 -2.43 12.61
CA SER C 84 -14.97 -2.43 12.61
C SER C 84 -15.15 -1.01 13.16
N ASP C 85 -16.32 -0.75 13.76
CA ASP C 85 -16.54 0.56 14.40
C ASP C 85 -15.47 0.86 15.43
N LEU C 86 -15.14 -0.15 16.25
CA LEU C 86 -14.11 0.04 17.29
C LEU C 86 -12.74 0.43 16.73
N HIS C 87 -12.31 -0.32 15.72
CA HIS C 87 -10.96 -0.13 15.18
C HIS C 87 -10.83 1.11 14.34
N ALA C 88 -11.84 1.40 13.52
CA ALA C 88 -11.75 2.54 12.59
C ALA C 88 -12.21 3.86 13.21
N GLN C 89 -13.31 3.84 13.95
CA GLN C 89 -13.86 5.09 14.49
C GLN C 89 -13.28 5.47 15.84
N LYS C 90 -13.15 4.50 16.73
CA LYS C 90 -12.69 4.81 18.08
C LYS C 90 -11.16 4.80 18.12
N LEU C 91 -10.56 3.71 17.65
CA LEU C 91 -9.12 3.53 17.83
C LEU C 91 -8.29 4.17 16.72
N ARG C 92 -8.93 4.47 15.58
CA ARG C 92 -8.25 5.06 14.41
C ARG C 92 -7.00 4.27 14.01
N VAL C 93 -7.11 2.95 13.93
CA VAL C 93 -5.97 2.13 13.54
C VAL C 93 -5.64 2.35 12.06
N ASP C 94 -4.37 2.66 11.80
CA ASP C 94 -3.89 2.88 10.43
C ASP C 94 -4.13 1.60 9.62
N PRO C 95 -4.78 1.69 8.45
CA PRO C 95 -5.09 0.47 7.67
C PRO C 95 -3.88 -0.40 7.37
N VAL C 96 -2.68 0.18 7.31
CA VAL C 96 -1.49 -0.62 6.98
C VAL C 96 -1.24 -1.70 8.02
N ASN C 97 -1.68 -1.45 9.26
CA ASN C 97 -1.36 -2.38 10.33
C ASN C 97 -2.13 -3.68 10.27
N PHE C 98 -3.27 -3.67 9.56
CA PHE C 98 -4.05 -4.91 9.41
C PHE C 98 -3.32 -5.90 8.52
N LYS C 99 -2.58 -5.39 7.54
CA LYS C 99 -1.77 -6.27 6.67
C LYS C 99 -0.64 -6.88 7.49
N LEU C 100 -0.04 -6.09 8.37
CA LEU C 100 1.06 -6.56 9.20
C LEU C 100 0.62 -7.66 10.14
N LEU C 101 -0.53 -7.47 10.78
CA LEU C 101 -1.03 -8.50 11.70
C LEU C 101 -1.45 -9.79 10.96
N GLY C 102 -2.12 -9.60 9.83
CA GLY C 102 -2.54 -10.72 8.97
C GLY C 102 -1.32 -11.55 8.60
N HIS C 103 -0.28 -10.88 8.18
CA HIS C 103 0.98 -11.54 7.89
C HIS C 103 1.54 -12.32 9.07
N CYS C 104 1.53 -11.70 10.23
CA CYS C 104 1.98 -12.39 11.45
C CYS C 104 1.16 -13.65 11.73
N PHE C 105 -0.12 -13.59 11.44
CA PHE C 105 -0.92 -14.80 11.61
C PHE C 105 -0.47 -15.93 10.67
N LEU C 106 -0.21 -15.59 9.41
CA LEU C 106 0.29 -16.60 8.46
C LEU C 106 1.63 -17.16 8.92
N VAL C 107 2.48 -16.31 9.45
CA VAL C 107 3.77 -16.78 9.96
C VAL C 107 3.56 -17.80 11.09
N VAL C 108 2.66 -17.49 12.02
CA VAL C 108 2.36 -18.43 13.12
C VAL C 108 1.80 -19.75 12.61
N VAL C 109 0.88 -19.70 11.64
CA VAL C 109 0.39 -20.92 11.02
C VAL C 109 1.54 -21.72 10.37
N ALA C 110 2.43 -21.05 9.66
CA ALA C 110 3.59 -21.70 9.07
C ALA C 110 4.50 -22.39 10.10
N VAL C 111 4.74 -21.72 11.23
CA VAL C 111 5.59 -22.26 12.29
C VAL C 111 5.04 -23.60 12.81
N HIS C 112 3.74 -23.62 13.05
CA HIS C 112 3.09 -24.73 13.72
C HIS C 112 2.49 -25.81 12.81
N PHE C 113 2.07 -25.41 11.61
CA PHE C 113 1.40 -26.31 10.68
C PHE C 113 1.97 -26.18 9.26
N PRO C 114 3.28 -26.42 9.08
CA PRO C 114 3.90 -26.17 7.76
C PRO C 114 3.32 -27.04 6.64
N SER C 115 2.98 -28.28 6.93
CA SER C 115 2.39 -29.11 5.91
C SER C 115 1.04 -28.63 5.41
N LEU C 116 0.30 -27.91 6.24
CA LEU C 116 -1.00 -27.41 5.87
C LEU C 116 -0.90 -26.21 4.93
N LEU C 117 0.13 -25.40 5.13
CA LEU C 117 0.22 -24.14 4.42
C LEU C 117 0.93 -24.28 3.10
N THR C 118 0.31 -25.03 2.19
CA THR C 118 0.72 -25.12 0.80
C THR C 118 0.60 -23.77 0.12
N PRO C 119 1.10 -23.60 -1.09
CA PRO C 119 0.85 -22.33 -1.76
C PRO C 119 -0.63 -22.01 -1.93
N GLU C 120 -1.45 -23.00 -2.24
CA GLU C 120 -2.88 -22.77 -2.42
C GLU C 120 -3.56 -22.37 -1.13
N VAL C 121 -3.24 -23.04 -0.05
CA VAL C 121 -3.82 -22.71 1.23
C VAL C 121 -3.31 -21.36 1.73
N HIS C 122 -2.03 -21.07 1.52
CA HIS C 122 -1.44 -19.75 1.71
C HIS C 122 -2.25 -18.65 1.02
N ALA C 123 -2.51 -18.83 -0.27
CA ALA C 123 -3.34 -17.87 -0.99
C ALA C 123 -4.72 -17.68 -0.35
N SER C 124 -5.40 -18.77 0.02
CA SER C 124 -6.73 -18.70 0.66
C SER C 124 -6.69 -18.01 2.01
N LEU C 125 -5.66 -18.30 2.79
CA LEU C 125 -5.53 -17.68 4.12
C LEU C 125 -5.18 -16.20 4.00
N ASP C 126 -4.33 -15.87 3.04
CA ASP C 126 -4.07 -14.47 2.75
C ASP C 126 -5.32 -13.73 2.37
N LYS C 127 -6.09 -14.30 1.46
CA LYS C 127 -7.34 -13.63 1.09
C LYS C 127 -8.23 -13.45 2.32
N PHE C 128 -8.29 -14.46 3.16
CA PHE C 128 -9.06 -14.40 4.41
C PHE C 128 -8.64 -13.27 5.34
N VAL C 129 -7.36 -13.20 5.69
CA VAL C 129 -6.92 -12.16 6.62
C VAL C 129 -7.07 -10.78 6.02
N LEU C 130 -6.92 -10.68 4.70
CA LEU C 130 -7.15 -9.42 4.03
CA LEU C 130 -7.17 -9.43 4.05
C LEU C 130 -8.62 -9.05 4.01
N ALA C 131 -9.49 -10.03 3.85
CA ALA C 131 -10.94 -9.79 3.93
C ALA C 131 -11.34 -9.28 5.32
N VAL C 132 -10.77 -9.87 6.37
CA VAL C 132 -10.99 -9.39 7.73
C VAL C 132 -10.49 -7.96 7.91
N GLY C 133 -9.28 -7.67 7.45
CA GLY C 133 -8.75 -6.32 7.54
C GLY C 133 -9.60 -5.29 6.81
N THR C 134 -10.08 -5.67 5.64
CA THR C 134 -10.96 -4.83 4.85
C THR C 134 -12.28 -4.52 5.55
N VAL C 135 -12.83 -5.49 6.23
CA VAL C 135 -14.04 -5.31 7.00
C VAL C 135 -13.77 -4.36 8.17
N LEU C 136 -12.67 -4.56 8.86
CA LEU C 136 -12.32 -3.75 10.02
C LEU C 136 -11.96 -2.32 9.72
N THR C 137 -11.69 -2.02 8.46
CA THR C 137 -11.37 -0.67 8.02
C THR C 137 -12.50 -0.05 7.21
N ALA C 138 -13.65 -0.70 7.22
CA ALA C 138 -14.80 -0.28 6.42
C ALA C 138 -15.22 1.16 6.62
N LYS C 139 -15.18 1.62 7.86
CA LYS C 139 -15.59 2.99 8.16
C LYS C 139 -14.59 4.03 7.75
N TYR C 140 -13.60 3.58 6.98
CA TYR C 140 -12.70 4.50 6.30
C TYR C 140 -13.13 4.65 4.84
N ARG C 141 -14.21 3.98 4.48
CA ARG C 141 -14.72 3.95 3.11
C ARG C 141 -16.25 4.12 3.09
N VAL D 1 21.44 2.01 7.84
CA VAL D 1 21.10 0.67 8.39
C VAL D 1 22.26 0.14 9.21
N HIS D 2 21.97 -0.22 10.45
CA HIS D 2 22.93 -0.85 11.36
C HIS D 2 22.47 -2.26 11.68
N TRP D 3 23.41 -3.20 11.67
CA TRP D 3 23.17 -4.60 12.01
C TRP D 3 23.95 -4.98 13.27
N SER D 4 23.23 -5.38 14.31
CA SER D 4 23.87 -5.86 15.55
C SER D 4 24.48 -7.24 15.35
N ALA D 5 25.38 -7.64 16.25
CA ALA D 5 25.91 -9.01 16.25
C ALA D 5 24.78 -10.02 16.39
N GLU D 6 23.79 -9.73 17.23
CA GLU D 6 22.67 -10.64 17.42
C GLU D 6 21.87 -10.78 16.13
N GLU D 7 21.60 -9.68 15.43
CA GLU D 7 20.85 -9.75 14.17
C GLU D 7 21.64 -10.55 13.15
N LYS D 8 22.94 -10.28 13.03
CA LYS D 8 23.79 -11.01 12.10
C LYS D 8 23.75 -12.52 12.35
N GLN D 9 23.80 -12.92 13.61
CA GLN D 9 23.74 -14.33 14.02
C GLN D 9 22.38 -14.98 13.73
N LEU D 10 21.29 -14.24 13.93
CA LEU D 10 19.97 -14.77 13.58
C LEU D 10 19.82 -14.99 12.07
N ILE D 11 20.40 -14.11 11.28
CA ILE D 11 20.35 -14.21 9.82
C ILE D 11 21.25 -15.34 9.28
N THR D 12 22.51 -15.33 9.69
CA THR D 12 23.47 -16.30 9.13
C THR D 12 23.20 -17.73 9.60
N SER D 13 22.66 -17.90 10.79
CA SER D 13 22.44 -19.22 11.31
C SER D 13 21.32 -19.89 10.56
N ILE D 14 20.27 -19.13 10.30
CA ILE D 14 19.17 -19.62 9.48
C ILE D 14 19.63 -19.89 8.08
N TRP D 15 20.34 -18.93 7.53
CA TRP D 15 20.76 -19.04 6.13
C TRP D 15 21.66 -20.24 5.87
N GLY D 16 22.53 -20.55 6.83
CA GLY D 16 23.42 -21.70 6.72
C GLY D 16 22.70 -23.03 6.53
N LYS D 17 21.42 -23.08 6.85
CA LYS D 17 20.60 -24.28 6.75
C LYS D 17 19.53 -24.23 5.67
N VAL D 18 19.51 -23.15 4.91
CA VAL D 18 18.55 -23.00 3.82
C VAL D 18 18.94 -23.80 2.59
N ASN D 19 17.99 -24.59 2.09
CA ASN D 19 18.10 -25.11 0.76
C ASN D 19 17.56 -24.17 -0.26
N VAL D 20 18.45 -23.52 -1.00
CA VAL D 20 18.04 -22.45 -1.88
C VAL D 20 17.14 -22.96 -3.02
N ALA D 21 17.37 -24.17 -3.50
CA ALA D 21 16.51 -24.71 -4.53
C ALA D 21 15.10 -24.92 -4.00
N ASP D 22 14.94 -25.59 -2.89
CA ASP D 22 13.61 -25.83 -2.35
C ASP D 22 12.91 -24.54 -1.89
N CYS D 23 13.60 -23.73 -1.12
CA CYS D 23 13.01 -22.48 -0.64
C CYS D 23 12.74 -21.53 -1.78
N GLY D 24 13.58 -21.54 -2.80
CA GLY D 24 13.36 -20.67 -3.94
C GLY D 24 12.21 -21.07 -4.81
N ALA D 25 12.07 -22.35 -5.09
CA ALA D 25 10.87 -22.85 -5.72
C ALA D 25 9.59 -22.48 -4.99
N GLU D 26 9.60 -22.61 -3.68
CA GLU D 26 8.44 -22.29 -2.87
C GLU D 26 8.13 -20.82 -2.95
N ALA D 27 9.14 -20.00 -2.78
CA ALA D 27 8.92 -18.56 -2.78
C ALA D 27 8.37 -18.03 -4.09
N LEU D 28 8.92 -18.46 -5.21
CA LEU D 28 8.44 -17.91 -6.47
C LEU D 28 7.08 -18.48 -6.84
N ALA D 29 6.85 -19.75 -6.59
CA ALA D 29 5.51 -20.28 -6.81
C ALA D 29 4.48 -19.50 -5.99
N ARG D 30 4.78 -19.24 -4.74
CA ARG D 30 3.87 -18.50 -3.90
C ARG D 30 3.65 -17.08 -4.37
N LEU D 31 4.68 -16.41 -4.84
CA LEU D 31 4.50 -15.08 -5.40
C LEU D 31 3.47 -15.11 -6.53
N LEU D 32 3.65 -16.05 -7.46
CA LEU D 32 2.79 -16.14 -8.65
C LEU D 32 1.36 -16.56 -8.33
N ILE D 33 1.19 -17.37 -7.30
CA ILE D 33 -0.13 -17.91 -6.93
C ILE D 33 -0.86 -16.95 -5.99
N VAL D 34 -0.16 -16.40 -5.02
CA VAL D 34 -0.79 -15.55 -4.01
C VAL D 34 -1.08 -14.16 -4.58
N TYR D 35 -0.20 -13.67 -5.47
CA TYR D 35 -0.32 -12.34 -6.03
C TYR D 35 -0.29 -12.43 -7.54
N PRO D 36 -1.43 -12.88 -8.12
CA PRO D 36 -1.39 -13.38 -9.51
C PRO D 36 -1.02 -12.39 -10.63
N TRP D 37 -1.14 -11.08 -10.35
CA TRP D 37 -0.70 -10.08 -11.32
C TRP D 37 0.81 -10.20 -11.61
N THR D 38 1.56 -10.77 -10.68
CA THR D 38 3.01 -10.95 -10.90
C THR D 38 3.33 -11.92 -12.05
N GLN D 39 2.38 -12.76 -12.41
CA GLN D 39 2.51 -13.62 -13.58
C GLN D 39 2.79 -12.83 -14.85
N ARG D 40 2.34 -11.58 -14.90
CA ARG D 40 2.59 -10.75 -16.06
C ARG D 40 4.06 -10.63 -16.42
N PHE D 41 4.89 -10.65 -15.40
CA PHE D 41 6.33 -10.48 -15.62
C PHE D 41 7.05 -11.73 -16.13
N PHE D 42 6.36 -12.87 -16.09
CA PHE D 42 6.98 -14.17 -16.38
C PHE D 42 6.29 -14.92 -17.52
N SER D 43 5.91 -14.17 -18.56
CA SER D 43 5.19 -14.74 -19.70
C SER D 43 5.98 -15.83 -20.41
N SER D 44 7.30 -15.69 -20.47
CA SER D 44 8.17 -16.65 -21.15
C SER D 44 8.44 -17.96 -20.38
N PHE D 45 7.85 -18.08 -19.18
CA PHE D 45 8.11 -19.26 -18.33
C PHE D 45 7.20 -20.47 -18.65
N GLY D 46 6.30 -20.30 -19.60
CA GLY D 46 5.45 -21.42 -20.02
C GLY D 46 4.13 -21.45 -19.28
N ASN D 47 3.78 -22.63 -18.78
CA ASN D 47 2.47 -22.89 -18.22
C ASN D 47 2.34 -22.32 -16.81
N LEU D 48 1.54 -21.26 -16.69
CA LEU D 48 1.22 -20.66 -15.38
C LEU D 48 -0.30 -20.66 -15.23
N SER D 49 -0.95 -21.67 -15.83
CA SER D 49 -2.41 -21.69 -16.03
C SER D 49 -3.21 -22.04 -14.78
N SER D 50 -2.55 -22.58 -13.76
CA SER D 50 -3.21 -22.96 -12.52
C SER D 50 -2.16 -23.00 -11.42
N ALA D 51 -2.62 -23.03 -10.18
CA ALA D 51 -1.72 -23.15 -9.03
C ALA D 51 -0.87 -24.42 -9.14
N THR D 52 -1.51 -25.51 -9.54
CA THR D 52 -0.81 -26.78 -9.71
C THR D 52 0.26 -26.70 -10.80
N ALA D 53 -0.09 -26.10 -11.94
CA ALA D 53 0.87 -25.93 -13.02
C ALA D 53 2.07 -25.07 -12.61
N ILE D 54 1.81 -24.04 -11.80
CA ILE D 54 2.86 -23.12 -11.39
C ILE D 54 3.84 -23.86 -10.49
N SER D 55 3.33 -24.63 -9.53
CA SER D 55 4.20 -25.40 -8.63
C SER D 55 4.99 -26.49 -9.36
N GLY D 56 4.44 -26.99 -10.47
CA GLY D 56 5.13 -28.03 -11.27
C GLY D 56 6.01 -27.48 -12.38
N ASN D 57 6.02 -26.17 -12.55
CA ASN D 57 6.73 -25.54 -13.67
C ASN D 57 8.23 -25.53 -13.41
N PRO D 58 9.03 -26.18 -14.27
CA PRO D 58 10.48 -26.26 -14.03
C PRO D 58 11.20 -24.91 -14.19
N ASN D 59 10.62 -24.01 -14.98
CA ASN D 59 11.23 -22.68 -15.18
C ASN D 59 11.04 -21.83 -13.92
N VAL D 60 9.86 -21.96 -13.31
CA VAL D 60 9.61 -21.32 -12.03
C VAL D 60 10.59 -21.84 -10.95
N LYS D 61 10.77 -23.15 -10.91
CA LYS D 61 11.72 -23.76 -10.00
C LYS D 61 13.14 -23.26 -10.19
N ALA D 62 13.56 -23.24 -11.45
CA ALA D 62 14.93 -22.80 -11.75
C ALA D 62 15.15 -21.35 -11.38
N HIS D 63 14.21 -20.49 -11.76
CA HIS D 63 14.34 -19.08 -11.44
C HIS D 63 14.30 -18.81 -9.95
N GLY D 64 13.42 -19.52 -9.24
CA GLY D 64 13.34 -19.42 -7.78
C GLY D 64 14.68 -19.66 -7.11
N LYS D 65 15.43 -20.64 -7.60
CA LYS D 65 16.74 -20.91 -7.04
C LYS D 65 17.67 -19.70 -7.22
N LYS D 66 17.62 -19.05 -8.39
CA LYS D 66 18.44 -17.86 -8.66
C LYS D 66 18.09 -16.72 -7.71
N VAL D 67 16.80 -16.52 -7.48
CA VAL D 67 16.33 -15.45 -6.59
C VAL D 67 16.86 -15.68 -5.17
N LEU D 68 16.72 -16.90 -4.64
CA LEU D 68 17.22 -17.21 -3.30
CA LEU D 68 17.22 -17.13 -3.30
C LEU D 68 18.74 -17.10 -3.19
N THR D 69 19.44 -17.54 -4.24
CA THR D 69 20.91 -17.40 -4.25
C THR D 69 21.26 -15.92 -4.11
N SER D 70 20.47 -15.06 -4.75
CA SER D 70 20.67 -13.61 -4.68
C SER D 70 20.45 -13.10 -3.26
N PHE D 71 19.36 -13.54 -2.61
CA PHE D 71 19.18 -13.20 -1.20
C PHE D 71 20.41 -13.63 -0.38
N GLY D 72 21.03 -14.74 -0.75
CA GLY D 72 22.26 -15.22 -0.12
C GLY D 72 23.39 -14.23 -0.24
N ASP D 73 23.43 -13.50 -1.34
CA ASP D 73 24.43 -12.43 -1.52
C ASP D 73 24.25 -11.27 -0.53
N ALA D 74 23.01 -11.03 -0.12
CA ALA D 74 22.71 -10.04 0.92
C ALA D 74 23.21 -10.55 2.27
N VAL D 75 22.89 -11.80 2.60
CA VAL D 75 23.31 -12.43 3.87
C VAL D 75 24.83 -12.35 4.07
N LYS D 76 25.55 -12.58 2.97
CA LYS D 76 27.01 -12.68 2.97
C LYS D 76 27.71 -11.37 3.25
N ASN D 77 27.06 -10.25 2.93
CA ASN D 77 27.60 -8.94 3.25
C ASN D 77 26.50 -7.95 3.55
N LEU D 78 26.02 -8.01 4.79
CA LEU D 78 24.86 -7.23 5.19
C LEU D 78 25.07 -5.72 5.07
N ASP D 79 26.30 -5.27 5.28
CA ASP D 79 26.56 -3.83 5.24
C ASP D 79 26.69 -3.24 3.84
N ASN D 80 26.71 -4.10 2.83
CA ASN D 80 26.87 -3.66 1.45
C ASN D 80 25.68 -4.07 0.58
N ILE D 81 24.50 -4.24 1.18
CA ILE D 81 23.33 -4.62 0.39
C ILE D 81 23.04 -3.63 -0.75
N LYS D 82 23.18 -2.34 -0.51
CA LYS D 82 22.93 -1.33 -1.54
C LYS D 82 23.81 -1.59 -2.78
N GLY D 83 25.11 -1.80 -2.57
CA GLY D 83 26.01 -2.07 -3.70
C GLY D 83 25.74 -3.40 -4.39
N THR D 84 25.49 -4.43 -3.59
CA THR D 84 25.29 -5.77 -4.09
C THR D 84 24.12 -5.83 -5.06
N PHE D 85 23.07 -5.04 -4.80
CA PHE D 85 21.88 -5.07 -5.61
C PHE D 85 21.73 -3.94 -6.65
N ALA D 86 22.77 -3.14 -6.84
CA ALA D 86 22.71 -2.04 -7.78
C ALA D 86 22.40 -2.46 -9.21
N GLN D 87 23.06 -3.52 -9.67
CA GLN D 87 22.86 -3.97 -11.05
C GLN D 87 21.47 -4.58 -11.22
N LEU D 88 21.06 -5.38 -10.23
CA LEU D 88 19.72 -5.93 -10.24
C LEU D 88 18.62 -4.87 -10.15
N SER D 89 18.94 -3.74 -9.52
CA SER D 89 18.01 -2.63 -9.50
C SER D 89 17.76 -2.08 -10.92
N GLU D 90 18.82 -1.97 -11.73
CA GLU D 90 18.64 -1.56 -13.14
C GLU D 90 17.70 -2.50 -13.86
N LEU D 91 17.94 -3.79 -13.69
CA LEU D 91 17.10 -4.78 -14.36
C LEU D 91 15.66 -4.66 -13.92
N HIS D 92 15.42 -4.64 -12.60
CA HIS D 92 14.04 -4.69 -12.11
C HIS D 92 13.29 -3.40 -12.30
N CYS D 93 13.99 -2.27 -12.19
CA CYS D 93 13.35 -0.96 -12.26
C CYS D 93 13.26 -0.46 -13.70
N ASP D 94 14.42 -0.24 -14.31
CA ASP D 94 14.48 0.41 -15.61
CA ASP D 94 14.48 0.40 -15.63
C ASP D 94 14.09 -0.52 -16.76
N LYS D 95 14.39 -1.81 -16.63
CA LYS D 95 14.06 -2.72 -17.73
C LYS D 95 12.74 -3.46 -17.58
N LEU D 96 12.42 -3.89 -16.36
CA LEU D 96 11.22 -4.70 -16.10
C LEU D 96 10.03 -3.88 -15.56
N HIS D 97 10.30 -2.70 -15.02
CA HIS D 97 9.26 -1.84 -14.45
C HIS D 97 8.42 -2.55 -13.39
N VAL D 98 9.08 -3.28 -12.51
CA VAL D 98 8.39 -3.90 -11.39
C VAL D 98 8.09 -2.87 -10.29
N ASP D 99 6.83 -2.68 -9.91
CA ASP D 99 6.56 -1.75 -8.83
C ASP D 99 7.19 -2.26 -7.54
N PRO D 100 7.88 -1.38 -6.78
CA PRO D 100 8.52 -1.83 -5.54
C PRO D 100 7.64 -2.53 -4.50
N GLU D 101 6.34 -2.32 -4.55
CA GLU D 101 5.47 -2.99 -3.59
C GLU D 101 5.61 -4.50 -3.72
N ASN D 102 5.84 -4.95 -4.96
CA ASN D 102 6.03 -6.38 -5.19
C ASN D 102 7.28 -6.93 -4.53
N PHE D 103 8.31 -6.09 -4.36
CA PHE D 103 9.50 -6.52 -3.64
C PHE D 103 9.15 -6.78 -2.18
N ARG D 104 8.31 -5.92 -1.60
CA ARG D 104 7.80 -6.13 -0.25
C ARG D 104 7.03 -7.45 -0.16
N LEU D 105 6.17 -7.71 -1.12
CA LEU D 105 5.34 -8.93 -1.09
C LEU D 105 6.20 -10.21 -1.20
N LEU D 106 7.21 -10.18 -2.07
CA LEU D 106 8.14 -11.31 -2.14
C LEU D 106 8.87 -11.50 -0.82
N GLY D 107 9.28 -10.40 -0.19
CA GLY D 107 9.93 -10.46 1.12
C GLY D 107 9.06 -11.14 2.17
N ASP D 108 7.80 -10.73 2.23
CA ASP D 108 6.83 -11.35 3.14
C ASP D 108 6.68 -12.85 2.86
N ILE D 109 6.58 -13.22 1.58
CA ILE D 109 6.53 -14.64 1.19
C ILE D 109 7.79 -15.40 1.66
N LEU D 110 8.97 -14.82 1.45
CA LEU D 110 10.20 -15.47 1.94
C LEU D 110 10.17 -15.69 3.45
N VAL D 111 9.71 -14.68 4.19
CA VAL D 111 9.58 -14.86 5.64
C VAL D 111 8.66 -16.03 6.00
N ILE D 112 7.52 -16.15 5.31
CA ILE D 112 6.61 -17.30 5.53
C ILE D 112 7.27 -18.64 5.16
N ILE D 113 7.99 -18.66 4.05
CA ILE D 113 8.71 -19.88 3.64
C ILE D 113 9.73 -20.30 4.67
N LEU D 114 10.50 -19.34 5.19
CA LEU D 114 11.47 -19.64 6.25
C LEU D 114 10.76 -20.11 7.53
N ALA D 115 9.66 -19.46 7.88
CA ALA D 115 8.90 -19.89 9.06
C ALA D 115 8.45 -21.35 8.92
N ALA D 116 7.94 -21.71 7.75
CA ALA D 116 7.48 -23.07 7.51
C ALA D 116 8.62 -24.06 7.60
N HIS D 117 9.77 -23.69 7.08
CA HIS D 117 10.88 -24.66 7.05
C HIS D 117 11.52 -24.82 8.43
N PHE D 118 11.67 -23.71 9.13
CA PHE D 118 12.44 -23.71 10.37
C PHE D 118 11.61 -23.83 11.64
N GLY D 119 10.30 -23.63 11.52
CA GLY D 119 9.37 -23.92 12.60
C GLY D 119 9.74 -23.22 13.87
N LYS D 120 9.97 -24.00 14.92
CA LYS D 120 10.19 -23.34 16.19
C LYS D 120 11.52 -22.58 16.28
N ASP D 121 12.47 -22.85 15.38
CA ASP D 121 13.72 -22.07 15.33
C ASP D 121 13.52 -20.65 14.76
N PHE D 122 12.39 -20.41 14.12
CA PHE D 122 12.10 -19.10 13.54
C PHE D 122 11.39 -18.24 14.57
N THR D 123 12.13 -17.85 15.59
CA THR D 123 11.63 -17.14 16.76
C THR D 123 11.13 -15.74 16.34
N PRO D 124 10.40 -15.04 17.23
CA PRO D 124 9.98 -13.66 16.91
C PRO D 124 11.15 -12.74 16.56
N GLU D 125 12.27 -12.87 17.30
CA GLU D 125 13.48 -12.07 17.02
C GLU D 125 14.11 -12.45 15.68
N CYS D 126 14.07 -13.72 15.33
CA CYS D 126 14.53 -14.17 14.03
CA CYS D 126 14.53 -14.24 14.04
C CYS D 126 13.69 -13.61 12.91
N GLN D 127 12.38 -13.64 13.11
CA GLN D 127 11.45 -13.01 12.18
C GLN D 127 11.73 -11.51 12.03
N ALA D 128 11.96 -10.81 13.14
CA ALA D 128 12.24 -9.38 13.05
C ALA D 128 13.48 -9.10 12.21
N ALA D 129 14.52 -9.94 12.39
CA ALA D 129 15.77 -9.74 11.65
C ALA D 129 15.59 -10.01 10.17
N TRP D 130 14.82 -11.05 9.83
CA TRP D 130 14.57 -11.43 8.44
C TRP D 130 13.65 -10.45 7.73
N GLN D 131 12.64 -9.97 8.43
CA GLN D 131 11.80 -8.91 7.86
C GLN D 131 12.64 -7.65 7.58
N LYS D 132 13.52 -7.29 8.52
CA LYS D 132 14.46 -6.21 8.29
C LYS D 132 15.32 -6.46 7.04
N LEU D 133 15.88 -7.65 6.92
CA LEU D 133 16.72 -8.00 5.78
C LEU D 133 15.94 -7.86 4.47
N VAL D 134 14.74 -8.42 4.39
CA VAL D 134 14.00 -8.34 3.14
C VAL D 134 13.58 -6.90 2.78
N ARG D 135 13.37 -6.07 3.79
CA ARG D 135 13.06 -4.66 3.58
C ARG D 135 14.26 -3.89 3.07
N VAL D 136 15.45 -4.22 3.60
CA VAL D 136 16.69 -3.56 3.17
C VAL D 136 17.03 -3.97 1.73
N VAL D 137 16.87 -5.26 1.42
CA VAL D 137 17.00 -5.72 0.03
C VAL D 137 16.01 -5.04 -0.92
N ALA D 138 14.73 -4.99 -0.53
CA ALA D 138 13.72 -4.31 -1.33
C ALA D 138 14.09 -2.85 -1.59
N HIS D 139 14.55 -2.16 -0.57
CA HIS D 139 14.94 -0.76 -0.74
C HIS D 139 16.16 -0.63 -1.66
N ALA D 140 17.10 -1.58 -1.56
CA ALA D 140 18.26 -1.60 -2.47
C ALA D 140 17.82 -1.85 -3.92
N LEU D 141 16.87 -2.76 -4.12
CA LEU D 141 16.37 -3.05 -5.46
C LEU D 141 15.60 -1.89 -6.07
N ALA D 142 14.97 -1.10 -5.21
CA ALA D 142 14.22 0.06 -5.65
C ALA D 142 15.11 1.30 -5.81
N ARG D 143 16.42 1.16 -5.62
CA ARG D 143 17.34 2.31 -5.63
C ARG D 143 17.17 3.20 -6.87
N LYS D 144 16.99 2.57 -8.03
CA LYS D 144 16.84 3.26 -9.31
C LYS D 144 15.59 4.14 -9.38
N TYR D 145 14.61 3.93 -8.43
CA TYR D 145 13.49 4.83 -8.23
C TYR D 145 13.86 5.98 -7.27
N HIS D 146 12.97 6.61 -6.64
CA HIS D 146 13.17 7.79 -5.74
C HIS D 146 14.20 7.63 -4.60
#